data_5WWO
#
_entry.id   5WWO
#
_cell.length_a   69.220
_cell.length_b   98.607
_cell.length_c   109.728
_cell.angle_alpha   90.000
_cell.angle_beta   90.000
_cell.angle_gamma   90.000
#
_symmetry.space_group_name_H-M   'P 21 21 21'
#
loop_
_entity.id
_entity.type
_entity.pdbx_description
1 polymer 'Essential nuclear protein 1'
2 polymer 'Protein LTV1'
3 water water
#
loop_
_entity_poly.entity_id
_entity_poly.type
_entity_poly.pdbx_seq_one_letter_code
_entity_poly.pdbx_strand_id
1 'polypeptide(L)'
;GDYKEEEEIVEIDEEDAAMFEQYFKKSDDFNSLSGSYNLADKIMASIREKESQVEDMQDDEPLANEQNTSRGNISSGLKS
GEGVALPEKVIKAYTTVGSILKTWTHGKLPKLFKVIPSLRNWQDVIYVTNPEEWSPHVVYEATKLFVSNLTAKESQKFIN
LILLERFRDNIETSEDHSLNYHIYRAVKKSLYKPSAFFKGFLFPLVETGCNVREATIAGSVLAKVSVPALHSSAALSYLL
RLPFSPPTTVFIKILLDKKYALPYQTVDDCVYYFMRFRILDDGSNGEDATRVLPVIWHKAFLTFAQRYKNDITQDQRDFL
LETVRQRGHKDIGPEIRRELLAGASREFVDPQEANDDLMIDVN
;
A,B
2 'polypeptide(L)'
;GAMSDVSGFSMSSSAIARTETMTVLDDQYDQIINGYENYEEELEEDEEQNYQPFDMSAERSDFESMLDDFLDNYELESGG
RKLAKKDKEIERLKEAADEVSKGKLSQRRNRERQEKKKLEKVTNTLSSLKF
;
C
#
# COMPACT_ATOMS: atom_id res chain seq x y z
N ALA A 85 -14.81 -24.69 2.16
CA ALA A 85 -15.32 -23.79 3.19
C ALA A 85 -15.13 -24.37 4.60
N LEU A 86 -15.15 -23.51 5.61
CA LEU A 86 -14.93 -23.95 6.99
C LEU A 86 -16.20 -24.54 7.63
N PRO A 87 -16.01 -25.53 8.53
CA PRO A 87 -17.06 -26.02 9.42
C PRO A 87 -17.81 -24.85 10.04
N GLU A 88 -19.12 -24.92 10.16
CA GLU A 88 -19.86 -23.78 10.66
C GLU A 88 -19.64 -23.56 12.14
N LYS A 89 -19.18 -24.60 12.85
CA LYS A 89 -18.84 -24.43 14.26
C LYS A 89 -17.60 -23.55 14.39
N VAL A 90 -16.71 -23.64 13.41
CA VAL A 90 -15.51 -22.83 13.40
C VAL A 90 -15.88 -21.37 13.14
N ILE A 91 -16.51 -21.14 12.00
CA ILE A 91 -17.06 -19.84 11.65
C ILE A 91 -17.87 -19.20 12.79
N LYS A 92 -18.76 -19.97 13.42
CA LYS A 92 -19.56 -19.41 14.51
C LYS A 92 -18.69 -19.08 15.73
N ALA A 93 -17.75 -19.95 16.08
CA ALA A 93 -16.91 -19.71 17.25
C ALA A 93 -15.94 -18.55 17.01
N TYR A 94 -15.30 -18.52 15.84
CA TYR A 94 -14.31 -17.49 15.58
C TYR A 94 -14.92 -16.17 15.10
N THR A 95 -16.20 -16.17 14.74
CA THR A 95 -16.87 -14.90 14.50
C THR A 95 -17.09 -14.18 15.83
N THR A 96 -17.39 -14.96 16.87
CA THR A 96 -17.60 -14.39 18.19
C THR A 96 -16.30 -13.88 18.84
N VAL A 97 -15.25 -14.71 18.81
CA VAL A 97 -13.95 -14.25 19.30
C VAL A 97 -13.56 -12.95 18.57
N GLY A 98 -13.87 -12.89 17.27
CA GLY A 98 -13.67 -11.68 16.50
C GLY A 98 -14.32 -10.47 17.16
N SER A 99 -15.55 -10.61 17.64
CA SER A 99 -16.23 -9.51 18.32
C SER A 99 -15.58 -9.15 19.66
N ILE A 100 -15.07 -10.16 20.35
CA ILE A 100 -14.38 -9.91 21.61
C ILE A 100 -13.13 -9.08 21.36
N LEU A 101 -12.44 -9.41 20.27
CA LEU A 101 -11.16 -8.77 19.92
C LEU A 101 -11.31 -7.30 19.51
N LYS A 102 -12.50 -6.90 19.07
CA LYS A 102 -12.76 -5.48 18.73
C LYS A 102 -12.61 -4.56 19.94
N THR A 103 -12.85 -5.07 21.15
CA THR A 103 -12.85 -4.19 22.32
C THR A 103 -11.89 -4.64 23.42
N TRP A 104 -11.13 -5.69 23.14
CA TRP A 104 -10.22 -6.25 24.12
C TRP A 104 -9.05 -5.28 24.35
N THR A 105 -8.68 -5.09 25.63
CA THR A 105 -7.65 -4.11 26.00
C THR A 105 -6.68 -4.63 27.04
N HIS A 106 -7.01 -5.76 27.66
CA HIS A 106 -6.23 -6.26 28.80
C HIS A 106 -6.73 -7.62 29.24
N GLY A 107 -5.95 -8.26 30.10
CA GLY A 107 -6.28 -9.58 30.61
C GLY A 107 -5.69 -10.67 29.72
N LYS A 108 -6.31 -11.83 29.71
CA LYS A 108 -5.87 -12.91 28.84
C LYS A 108 -6.67 -12.85 27.52
N LEU A 109 -5.98 -13.09 26.42
CA LEU A 109 -6.60 -13.24 25.12
C LEU A 109 -7.51 -14.46 25.16
N PRO A 110 -8.63 -14.44 24.42
CA PRO A 110 -9.49 -15.64 24.35
C PRO A 110 -8.65 -16.87 24.03
N LYS A 111 -8.99 -17.97 24.68
CA LYS A 111 -8.24 -19.19 24.57
C LYS A 111 -8.21 -19.66 23.12
N LEU A 112 -9.36 -19.57 22.46
CA LEU A 112 -9.50 -20.00 21.07
C LEU A 112 -8.60 -19.19 20.14
N PHE A 113 -8.34 -17.96 20.53
CA PHE A 113 -7.46 -17.12 19.73
C PHE A 113 -6.02 -17.57 19.94
N LYS A 114 -5.69 -17.92 21.18
CA LYS A 114 -4.33 -18.34 21.49
C LYS A 114 -3.96 -19.71 20.92
N VAL A 115 -4.94 -20.52 20.51
CA VAL A 115 -4.60 -21.79 19.87
C VAL A 115 -4.41 -21.68 18.35
N ILE A 116 -4.80 -20.55 17.77
CA ILE A 116 -4.65 -20.33 16.33
C ILE A 116 -3.21 -20.56 15.81
N PRO A 117 -2.16 -20.08 16.55
CA PRO A 117 -0.82 -20.37 16.01
C PRO A 117 -0.46 -21.86 16.05
N SER A 118 -1.15 -22.63 16.89
CA SER A 118 -0.92 -24.08 16.94
C SER A 118 -1.61 -24.82 15.82
N LEU A 119 -2.36 -24.10 14.97
CA LEU A 119 -3.10 -24.75 13.89
C LEU A 119 -2.34 -24.66 12.57
N ARG A 120 -2.42 -25.72 11.78
CA ARG A 120 -1.84 -25.79 10.45
C ARG A 120 -2.43 -24.68 9.57
N ASN A 121 -3.75 -24.65 9.48
CA ASN A 121 -4.42 -23.63 8.68
C ASN A 121 -4.77 -22.37 9.49
N TRP A 122 -3.79 -21.80 10.17
CA TRP A 122 -4.03 -20.61 11.00
C TRP A 122 -4.53 -19.43 10.15
N GLN A 123 -4.09 -19.39 8.91
CA GLN A 123 -4.50 -18.33 7.99
C GLN A 123 -6.00 -18.37 7.71
N ASP A 124 -6.55 -19.56 7.49
CA ASP A 124 -7.98 -19.69 7.24
C ASP A 124 -8.83 -19.24 8.43
N VAL A 125 -8.42 -19.66 9.62
CA VAL A 125 -9.18 -19.34 10.83
C VAL A 125 -9.02 -17.85 11.23
N ILE A 126 -7.82 -17.31 11.07
CA ILE A 126 -7.53 -15.96 11.56
C ILE A 126 -8.46 -14.91 10.89
N TYR A 127 -8.70 -15.08 9.60
CA TYR A 127 -9.52 -14.16 8.80
C TYR A 127 -10.95 -14.06 9.35
N VAL A 128 -11.45 -15.14 9.92
CA VAL A 128 -12.77 -15.14 10.53
C VAL A 128 -12.82 -14.23 11.76
N THR A 129 -11.67 -13.99 12.39
CA THR A 129 -11.66 -13.12 13.57
C THR A 129 -11.67 -11.65 13.12
N ASN A 130 -11.61 -11.43 11.81
CA ASN A 130 -11.68 -10.10 11.21
C ASN A 130 -10.56 -9.16 11.71
N PRO A 131 -9.32 -9.45 11.31
CA PRO A 131 -8.15 -8.77 11.86
C PRO A 131 -8.19 -7.24 11.73
N GLU A 132 -8.80 -6.71 10.69
CA GLU A 132 -8.72 -5.26 10.53
C GLU A 132 -9.63 -4.52 11.51
N GLU A 133 -10.54 -5.25 12.18
CA GLU A 133 -11.32 -4.65 13.26
C GLU A 133 -10.77 -4.95 14.68
N TRP A 134 -9.69 -5.71 14.79
CA TRP A 134 -9.03 -5.87 16.08
C TRP A 134 -8.69 -4.50 16.70
N SER A 135 -8.82 -4.41 18.02
CA SER A 135 -8.33 -3.25 18.76
C SER A 135 -6.81 -3.12 18.59
N PRO A 136 -6.29 -1.90 18.73
CA PRO A 136 -4.83 -1.82 18.61
C PRO A 136 -4.11 -2.67 19.68
N HIS A 137 -4.74 -2.83 20.85
CA HIS A 137 -4.21 -3.68 21.91
C HIS A 137 -4.00 -5.09 21.41
N VAL A 138 -5.01 -5.62 20.75
CA VAL A 138 -4.96 -6.97 20.22
C VAL A 138 -3.91 -7.11 19.12
N VAL A 139 -3.78 -6.10 18.26
CA VAL A 139 -2.73 -6.11 17.24
C VAL A 139 -1.36 -6.34 17.86
N TYR A 140 -1.08 -5.58 18.92
CA TYR A 140 0.18 -5.72 19.66
C TYR A 140 0.34 -7.13 20.20
N GLU A 141 -0.61 -7.60 21.01
CA GLU A 141 -0.50 -8.90 21.65
C GLU A 141 -0.48 -10.03 20.64
N ALA A 142 -1.27 -9.88 19.57
CA ALA A 142 -1.29 -10.89 18.52
C ALA A 142 0.05 -10.93 17.82
N THR A 143 0.64 -9.77 17.61
CA THR A 143 1.94 -9.73 16.95
C THR A 143 2.97 -10.49 17.80
N LYS A 144 3.03 -10.17 19.09
CA LYS A 144 3.89 -10.93 20.01
C LYS A 144 3.57 -12.42 19.89
N LEU A 145 2.31 -12.77 20.10
CA LEU A 145 1.87 -14.16 20.05
C LEU A 145 2.25 -14.86 18.76
N PHE A 146 1.90 -14.25 17.62
CA PHE A 146 2.13 -14.95 16.36
C PHE A 146 3.59 -14.94 15.89
N VAL A 147 4.30 -13.85 16.11
CA VAL A 147 5.68 -13.80 15.61
C VAL A 147 6.59 -14.77 16.38
N SER A 148 6.32 -14.95 17.67
CA SER A 148 7.19 -15.80 18.46
C SER A 148 6.80 -17.27 18.44
N ASN A 149 5.63 -17.60 17.90
CA ASN A 149 5.19 -18.99 17.82
C ASN A 149 5.10 -19.56 16.41
N LEU A 150 5.16 -18.71 15.39
CA LEU A 150 5.17 -19.22 14.02
C LEU A 150 6.61 -19.35 13.56
N THR A 151 6.82 -20.18 12.55
CA THR A 151 8.10 -20.23 11.87
C THR A 151 8.32 -18.88 11.20
N ALA A 152 9.56 -18.61 10.81
CA ALA A 152 9.88 -17.35 10.13
C ALA A 152 9.04 -17.12 8.86
N LYS A 153 8.91 -18.16 8.02
CA LYS A 153 8.11 -18.07 6.80
C LYS A 153 6.64 -17.74 7.08
N GLU A 154 6.14 -18.29 8.18
CA GLU A 154 4.76 -18.12 8.58
C GLU A 154 4.57 -16.75 9.25
N SER A 155 5.54 -16.38 10.10
CA SER A 155 5.59 -15.04 10.71
C SER A 155 5.52 -13.97 9.65
N GLN A 156 6.27 -14.19 8.59
CA GLN A 156 6.39 -13.27 7.48
C GLN A 156 5.02 -12.98 6.86
N LYS A 157 4.21 -14.03 6.72
CA LYS A 157 2.87 -13.88 6.17
C LYS A 157 1.97 -13.06 7.11
N PHE A 158 2.05 -13.33 8.41
CA PHE A 158 1.30 -12.59 9.41
C PHE A 158 1.66 -11.10 9.36
N ILE A 159 2.96 -10.84 9.34
CA ILE A 159 3.48 -9.49 9.30
C ILE A 159 2.96 -8.74 8.09
N ASN A 160 2.96 -9.43 6.96
CA ASN A 160 2.58 -8.84 5.69
C ASN A 160 1.07 -8.65 5.53
N LEU A 161 0.32 -9.71 5.81
CA LEU A 161 -1.11 -9.70 5.57
C LEU A 161 -1.86 -8.90 6.63
N ILE A 162 -1.36 -8.87 7.86
CA ILE A 162 -2.08 -8.21 8.94
C ILE A 162 -1.39 -6.96 9.48
N LEU A 163 -0.17 -7.10 9.98
CA LEU A 163 0.55 -5.96 10.56
C LEU A 163 0.77 -4.81 9.57
N LEU A 164 1.39 -5.11 8.43
CA LEU A 164 1.64 -4.09 7.41
C LEU A 164 0.38 -3.33 7.01
N GLU A 165 -0.69 -4.07 6.76
CA GLU A 165 -1.94 -3.43 6.31
C GLU A 165 -2.49 -2.48 7.37
N ARG A 166 -2.46 -2.92 8.63
CA ARG A 166 -2.89 -2.10 9.73
C ARG A 166 -2.03 -0.85 9.89
N PHE A 167 -0.73 -1.03 9.71
CA PHE A 167 0.21 0.07 9.76
C PHE A 167 -0.16 1.14 8.72
N ARG A 168 -0.38 0.72 7.48
CA ARG A 168 -0.69 1.64 6.40
C ARG A 168 -2.08 2.26 6.57
N ASP A 169 -3.09 1.43 6.79
CA ASP A 169 -4.47 1.88 7.00
C ASP A 169 -4.54 2.98 8.06
N ASN A 170 -3.92 2.74 9.21
CA ASN A 170 -4.03 3.67 10.32
C ASN A 170 -3.30 4.98 10.07
N ILE A 171 -2.14 4.91 9.45
CA ILE A 171 -1.45 6.14 9.14
C ILE A 171 -2.21 6.99 8.10
N GLU A 172 -2.82 6.33 7.12
CA GLU A 172 -3.54 7.09 6.11
C GLU A 172 -4.82 7.72 6.67
N THR A 173 -5.51 7.04 7.58
CA THR A 173 -6.84 7.50 7.97
C THR A 173 -6.85 8.32 9.27
N SER A 174 -5.71 8.48 9.93
CA SER A 174 -5.67 9.29 11.13
C SER A 174 -5.55 10.77 10.77
N GLU A 175 -6.07 11.64 11.63
CA GLU A 175 -6.17 13.06 11.32
C GLU A 175 -4.84 13.75 11.21
N ASP A 176 -3.84 13.30 11.98
CA ASP A 176 -2.51 13.88 11.87
C ASP A 176 -1.51 12.93 11.21
N HIS A 177 -2.02 11.89 10.55
CA HIS A 177 -1.19 10.87 9.89
C HIS A 177 -0.08 10.34 10.81
N SER A 178 -0.51 9.92 11.99
CA SER A 178 0.36 9.30 12.98
C SER A 178 -0.07 7.86 13.20
N LEU A 179 0.80 7.10 13.83
CA LEU A 179 0.52 5.71 14.07
C LEU A 179 0.18 5.52 15.55
N ASN A 180 -0.92 4.84 15.83
CA ASN A 180 -1.25 4.42 17.20
C ASN A 180 -0.04 3.72 17.85
N TYR A 181 0.36 4.18 19.04
CA TYR A 181 1.54 3.63 19.72
C TYR A 181 1.47 2.09 19.95
N HIS A 182 0.28 1.52 20.17
CA HIS A 182 0.19 0.05 20.22
C HIS A 182 0.68 -0.59 18.90
N ILE A 183 0.27 -0.05 17.76
CA ILE A 183 0.66 -0.60 16.47
C ILE A 183 2.15 -0.38 16.28
N TYR A 184 2.61 0.79 16.72
CA TYR A 184 4.01 1.15 16.65
C TYR A 184 4.86 0.10 17.38
N ARG A 185 4.46 -0.24 18.59
CA ARG A 185 5.21 -1.23 19.35
C ARG A 185 5.07 -2.62 18.74
N ALA A 186 3.96 -2.88 18.05
CA ALA A 186 3.81 -4.13 17.33
C ALA A 186 4.85 -4.26 16.22
N VAL A 187 5.08 -3.16 15.49
CA VAL A 187 6.07 -3.17 14.44
C VAL A 187 7.47 -3.39 15.03
N LYS A 188 7.77 -2.77 16.19
CA LYS A 188 9.06 -3.01 16.87
C LYS A 188 9.25 -4.48 17.23
N LYS A 189 8.23 -5.08 17.83
CA LYS A 189 8.25 -6.48 18.19
C LYS A 189 8.46 -7.41 16.98
N SER A 190 7.93 -7.02 15.83
CA SER A 190 8.06 -7.85 14.63
C SER A 190 9.48 -7.85 14.10
N LEU A 191 10.24 -6.79 14.43
CA LEU A 191 11.65 -6.71 14.06
C LEU A 191 12.50 -7.74 14.79
N TYR A 192 11.91 -8.41 15.78
CA TYR A 192 12.62 -9.48 16.50
C TYR A 192 12.94 -10.64 15.59
N LYS A 193 12.14 -10.83 14.54
CA LYS A 193 12.50 -11.79 13.48
C LYS A 193 12.84 -11.01 12.22
N PRO A 194 14.08 -10.50 12.16
CA PRO A 194 14.45 -9.47 11.18
C PRO A 194 14.15 -9.88 9.73
N SER A 195 14.40 -11.13 9.37
CA SER A 195 14.08 -11.64 8.02
C SER A 195 12.59 -11.65 7.69
N ALA A 196 11.77 -12.05 8.65
CA ALA A 196 10.33 -11.98 8.43
C ALA A 196 9.87 -10.51 8.36
N PHE A 197 10.57 -9.61 9.05
CA PHE A 197 10.18 -8.20 8.99
C PHE A 197 10.57 -7.59 7.63
N PHE A 198 11.79 -7.85 7.16
CA PHE A 198 12.24 -7.25 5.91
C PHE A 198 11.44 -7.78 4.73
N LYS A 199 11.18 -9.08 4.70
CA LYS A 199 10.43 -9.68 3.59
C LYS A 199 8.92 -9.49 3.72
N GLY A 200 8.43 -9.47 4.95
CA GLY A 200 7.00 -9.33 5.18
C GLY A 200 6.54 -7.89 5.27
N PHE A 201 7.40 -7.00 5.75
CA PHE A 201 7.00 -5.60 6.02
C PHE A 201 7.76 -4.64 5.12
N LEU A 202 9.08 -4.58 5.25
CA LEU A 202 9.84 -3.49 4.63
C LEU A 202 9.84 -3.54 3.10
N PHE A 203 10.24 -4.68 2.52
CA PHE A 203 10.36 -4.76 1.06
C PHE A 203 9.00 -4.56 0.36
N PRO A 204 7.93 -5.23 0.82
CA PRO A 204 6.62 -4.90 0.25
C PRO A 204 6.24 -3.43 0.39
N LEU A 205 6.61 -2.80 1.50
CA LEU A 205 6.26 -1.40 1.72
C LEU A 205 6.98 -0.49 0.71
N VAL A 206 8.30 -0.61 0.58
CA VAL A 206 9.02 0.32 -0.29
C VAL A 206 8.74 0.03 -1.78
N GLU A 207 8.25 -1.18 -2.06
CA GLU A 207 7.88 -1.57 -3.42
C GLU A 207 6.40 -1.39 -3.77
N THR A 208 5.63 -0.78 -2.87
CA THR A 208 4.21 -0.56 -3.12
C THR A 208 3.81 0.84 -2.66
N GLY A 209 4.56 1.83 -3.14
CA GLY A 209 4.17 3.22 -3.01
C GLY A 209 4.31 3.78 -1.61
N CYS A 210 5.29 3.29 -0.86
CA CYS A 210 5.62 3.86 0.46
C CYS A 210 5.71 5.37 0.33
N ASN A 211 5.07 6.11 1.23
CA ASN A 211 5.21 7.54 1.19
C ASN A 211 6.18 7.98 2.28
N VAL A 212 6.45 9.28 2.31
CA VAL A 212 7.49 9.80 3.18
C VAL A 212 7.12 9.64 4.67
N ARG A 213 5.86 9.88 4.99
CA ARG A 213 5.44 9.73 6.37
C ARG A 213 5.54 8.25 6.83
N GLU A 214 5.17 7.30 5.95
CA GLU A 214 5.29 5.88 6.24
C GLU A 214 6.76 5.47 6.47
N ALA A 215 7.66 5.98 5.63
CA ALA A 215 9.06 5.66 5.75
C ALA A 215 9.65 6.31 7.01
N THR A 216 9.11 7.46 7.37
CA THR A 216 9.61 8.17 8.55
C THR A 216 9.23 7.44 9.84
N ILE A 217 8.01 6.95 9.90
CA ILE A 217 7.58 6.20 11.07
C ILE A 217 8.23 4.80 11.12
N ALA A 218 8.09 4.03 10.05
CA ALA A 218 8.71 2.71 10.01
C ALA A 218 10.23 2.83 10.16
N GLY A 219 10.79 3.89 9.58
CA GLY A 219 12.22 4.14 9.68
C GLY A 219 12.69 4.37 11.11
N SER A 220 11.87 5.05 11.92
CA SER A 220 12.26 5.31 13.29
C SER A 220 12.29 3.99 14.09
N VAL A 221 11.40 3.06 13.76
CA VAL A 221 11.45 1.74 14.39
C VAL A 221 12.77 1.07 14.04
N LEU A 222 13.10 1.07 12.75
CA LEU A 222 14.31 0.41 12.28
C LEU A 222 15.55 1.03 12.94
N ALA A 223 15.54 2.34 13.16
CA ALA A 223 16.65 3.03 13.83
C ALA A 223 16.83 2.57 15.28
N LYS A 224 15.72 2.34 15.99
CA LYS A 224 15.76 2.08 17.44
C LYS A 224 16.09 0.64 17.80
N VAL A 225 15.66 -0.30 16.97
CA VAL A 225 15.84 -1.71 17.27
C VAL A 225 17.14 -2.22 16.65
N SER A 226 17.93 -2.89 17.48
CA SER A 226 19.15 -3.52 17.04
C SER A 226 18.81 -4.60 16.02
N VAL A 227 19.56 -4.68 14.92
CA VAL A 227 19.34 -5.83 14.06
C VAL A 227 20.68 -6.46 13.70
N PRO A 228 20.69 -7.80 13.56
CA PRO A 228 21.96 -8.48 13.18
C PRO A 228 22.58 -7.87 11.91
N ALA A 229 23.87 -7.55 12.00
CA ALA A 229 24.64 -6.94 10.91
C ALA A 229 24.38 -7.62 9.58
N LEU A 230 24.36 -8.95 9.62
CA LEU A 230 24.10 -9.79 8.47
C LEU A 230 22.76 -9.46 7.78
N HIS A 231 21.68 -9.40 8.56
CA HIS A 231 20.38 -9.15 7.99
C HIS A 231 20.24 -7.69 7.60
N SER A 232 20.81 -6.82 8.44
CA SER A 232 20.87 -5.41 8.15
C SER A 232 21.55 -5.14 6.80
N SER A 233 22.73 -5.72 6.61
CA SER A 233 23.48 -5.59 5.36
C SER A 233 22.70 -6.06 4.14
N ALA A 234 22.09 -7.25 4.25
CA ALA A 234 21.36 -7.85 3.15
C ALA A 234 20.17 -6.98 2.74
N ALA A 235 19.51 -6.38 3.74
CA ALA A 235 18.40 -5.47 3.49
C ALA A 235 18.89 -4.17 2.85
N LEU A 236 20.03 -3.67 3.30
CA LEU A 236 20.64 -2.49 2.66
C LEU A 236 20.90 -2.75 1.17
N SER A 237 21.54 -3.87 0.84
CA SER A 237 21.80 -4.24 -0.56
C SER A 237 20.53 -4.31 -1.38
N TYR A 238 19.51 -4.90 -0.80
CA TYR A 238 18.24 -5.00 -1.49
C TYR A 238 17.66 -3.62 -1.82
N LEU A 239 17.72 -2.69 -0.85
CA LEU A 239 17.15 -1.36 -1.05
C LEU A 239 17.95 -0.52 -2.05
N LEU A 240 19.26 -0.69 -2.04
CA LEU A 240 20.13 0.05 -2.95
C LEU A 240 19.89 -0.32 -4.42
N ARG A 241 19.43 -1.54 -4.67
CA ARG A 241 19.22 -1.99 -6.05
C ARG A 241 17.85 -1.58 -6.59
N LEU A 242 16.98 -1.09 -5.71
CA LEU A 242 15.65 -0.61 -6.10
C LEU A 242 15.76 0.71 -6.87
N PRO A 243 14.73 1.03 -7.68
CA PRO A 243 14.67 2.36 -8.32
C PRO A 243 14.66 3.47 -7.27
N PHE A 244 15.10 4.66 -7.63
CA PHE A 244 15.16 5.72 -6.64
C PHE A 244 13.77 6.13 -6.19
N SER A 245 13.63 6.39 -4.90
CA SER A 245 12.50 7.14 -4.40
C SER A 245 12.93 7.76 -3.08
N PRO A 246 12.33 8.89 -2.71
CA PRO A 246 12.76 9.44 -1.42
C PRO A 246 12.45 8.51 -0.23
N PRO A 247 11.28 7.84 -0.17
CA PRO A 247 11.08 6.97 1.01
C PRO A 247 12.09 5.81 1.07
N THR A 248 12.40 5.21 -0.06
CA THR A 248 13.43 4.18 -0.05
C THR A 248 14.76 4.73 0.47
N THR A 249 15.09 5.94 0.05
CA THR A 249 16.32 6.58 0.50
C THR A 249 16.31 6.82 2.00
N VAL A 250 15.15 7.15 2.58
CA VAL A 250 15.02 7.23 4.04
C VAL A 250 15.49 5.94 4.72
N PHE A 251 15.05 4.79 4.21
CA PHE A 251 15.46 3.54 4.83
C PHE A 251 16.94 3.26 4.58
N ILE A 252 17.42 3.52 3.36
CA ILE A 252 18.83 3.39 3.05
C ILE A 252 19.67 4.19 4.05
N LYS A 253 19.25 5.42 4.34
CA LYS A 253 19.99 6.27 5.27
C LYS A 253 19.95 5.70 6.69
N ILE A 254 18.78 5.28 7.14
CA ILE A 254 18.64 4.61 8.43
C ILE A 254 19.59 3.41 8.57
N LEU A 255 19.63 2.53 7.58
CA LEU A 255 20.49 1.36 7.65
C LEU A 255 21.98 1.72 7.59
N LEU A 256 22.30 2.80 6.87
CA LEU A 256 23.67 3.30 6.90
C LEU A 256 24.03 3.82 8.30
N ASP A 257 23.14 4.59 8.92
CA ASP A 257 23.33 5.15 10.27
C ASP A 257 23.55 4.12 11.36
N LYS A 258 23.09 2.89 11.14
CA LYS A 258 23.39 1.80 12.08
C LYS A 258 24.90 1.72 12.27
N LYS A 259 25.61 2.07 11.21
CA LYS A 259 27.06 2.04 11.16
C LYS A 259 27.62 0.68 11.57
N TYR A 260 26.92 -0.38 11.20
CA TYR A 260 27.43 -1.73 11.40
C TYR A 260 28.60 -2.00 10.45
N ALA A 261 29.41 -3.01 10.78
CA ALA A 261 30.35 -3.60 9.81
C ALA A 261 29.58 -4.12 8.61
N LEU A 262 30.07 -3.86 7.42
CA LEU A 262 29.40 -4.32 6.21
C LEU A 262 30.27 -5.34 5.47
N PRO A 263 29.65 -6.40 4.93
CA PRO A 263 30.34 -7.27 3.99
C PRO A 263 30.80 -6.43 2.81
N TYR A 264 31.94 -6.75 2.23
CA TYR A 264 32.50 -5.91 1.18
C TYR A 264 31.58 -5.81 -0.04
N GLN A 265 30.72 -6.80 -0.23
CA GLN A 265 29.74 -6.72 -1.31
C GLN A 265 28.65 -5.67 -1.05
N THR A 266 28.32 -5.42 0.22
CA THR A 266 27.35 -4.36 0.52
C THR A 266 28.03 -2.99 0.39
N VAL A 267 29.28 -2.91 0.85
CA VAL A 267 30.05 -1.69 0.61
C VAL A 267 30.06 -1.35 -0.89
N ASP A 268 30.36 -2.36 -1.71
CA ASP A 268 30.37 -2.18 -3.17
C ASP A 268 29.02 -1.70 -3.69
N ASP A 269 27.95 -2.35 -3.27
CA ASP A 269 26.60 -1.94 -3.65
C ASP A 269 26.31 -0.47 -3.29
N CYS A 270 26.84 -0.01 -2.15
CA CYS A 270 26.70 1.37 -1.73
C CYS A 270 27.43 2.29 -2.69
N VAL A 271 28.63 1.89 -3.10
CA VAL A 271 29.41 2.70 -4.03
C VAL A 271 28.67 2.76 -5.36
N TYR A 272 28.20 1.61 -5.85
CA TYR A 272 27.49 1.53 -7.13
C TYR A 272 26.21 2.39 -7.10
N TYR A 273 25.54 2.38 -5.95
CA TYR A 273 24.35 3.21 -5.77
C TYR A 273 24.64 4.72 -5.93
N PHE A 274 25.59 5.26 -5.18
CA PHE A 274 25.82 6.69 -5.26
C PHE A 274 26.39 7.12 -6.63
N MET A 275 27.33 6.32 -7.14
CA MET A 275 27.82 6.38 -8.52
C MET A 275 26.75 6.60 -9.60
N ARG A 276 25.65 5.88 -9.48
CA ARG A 276 24.65 5.87 -10.55
C ARG A 276 23.85 7.16 -10.62
N PHE A 277 24.18 8.16 -9.81
CA PHE A 277 23.50 9.44 -9.94
C PHE A 277 24.41 10.48 -10.59
N ARG A 278 25.55 10.04 -11.13
CA ARG A 278 26.46 10.97 -11.77
C ARG A 278 26.12 11.08 -13.24
N ILE A 279 26.65 12.10 -13.91
CA ILE A 279 26.45 12.23 -15.34
C ILE A 279 27.62 11.67 -16.15
N LEU A 280 27.34 10.66 -16.96
CA LEU A 280 28.33 10.13 -17.89
C LEU A 280 28.17 10.78 -19.28
N ASP A 281 29.11 11.67 -19.61
CA ASP A 281 29.04 12.48 -20.82
C ASP A 281 28.82 11.69 -22.12
N GLY A 283 28.39 8.36 -22.21
CA GLY A 283 27.34 8.87 -23.06
C GLY A 283 25.94 8.59 -22.55
N SER A 284 25.68 7.33 -22.18
CA SER A 284 24.32 6.89 -21.84
C SER A 284 23.94 7.05 -20.35
N ASN A 285 22.87 7.83 -20.14
CA ASN A 285 22.38 8.10 -18.79
C ASN A 285 20.88 7.85 -18.69
N GLY A 286 20.44 7.41 -17.51
CA GLY A 286 19.03 7.30 -17.23
C GLY A 286 18.57 8.52 -16.45
N GLU A 287 17.36 8.44 -15.91
CA GLU A 287 16.81 9.56 -15.15
C GLU A 287 17.69 9.94 -13.95
N ASP A 288 18.34 8.96 -13.34
CA ASP A 288 19.09 9.18 -12.09
C ASP A 288 20.18 10.26 -12.20
N ALA A 289 20.70 10.46 -13.41
CA ALA A 289 21.82 11.38 -13.64
C ALA A 289 21.46 12.86 -13.46
N THR A 290 20.20 13.20 -13.73
CA THR A 290 19.75 14.59 -13.69
C THR A 290 18.60 14.86 -12.72
N ARG A 291 18.04 13.80 -12.14
CA ARG A 291 16.88 13.96 -11.25
C ARG A 291 17.26 14.84 -10.10
N VAL A 292 16.28 15.51 -9.51
CA VAL A 292 16.58 16.29 -8.33
C VAL A 292 16.70 15.35 -7.12
N LEU A 293 17.75 15.57 -6.33
CA LEU A 293 18.05 14.74 -5.19
C LEU A 293 17.69 15.48 -3.92
N PRO A 294 16.92 14.84 -3.05
CA PRO A 294 16.53 15.43 -1.77
C PRO A 294 17.71 15.50 -0.81
N VAL A 295 17.61 16.34 0.21
CA VAL A 295 18.65 16.42 1.23
C VAL A 295 18.96 15.04 1.85
N ILE A 296 17.96 14.16 1.92
CA ILE A 296 18.11 12.85 2.56
C ILE A 296 19.13 11.97 1.80
N TRP A 297 19.16 12.10 0.48
CA TRP A 297 20.17 11.42 -0.33
C TRP A 297 21.58 11.87 0.04
N HIS A 298 21.74 13.16 0.35
CA HIS A 298 23.06 13.68 0.68
C HIS A 298 23.51 13.27 2.06
N LYS A 299 22.57 13.23 3.00
CA LYS A 299 22.88 12.79 4.36
C LYS A 299 23.26 11.31 4.37
N ALA A 300 22.61 10.52 3.51
CA ALA A 300 22.96 9.12 3.34
C ALA A 300 24.38 8.99 2.77
N PHE A 301 24.68 9.78 1.74
CA PHE A 301 26.00 9.79 1.12
C PHE A 301 27.04 10.15 2.16
N LEU A 302 26.74 11.20 2.94
CA LEU A 302 27.65 11.64 4.01
C LEU A 302 27.84 10.55 5.05
N THR A 303 26.75 9.93 5.47
CA THR A 303 26.84 8.86 6.47
C THR A 303 27.74 7.73 5.99
N PHE A 304 27.53 7.31 4.74
CA PHE A 304 28.35 6.26 4.16
C PHE A 304 29.82 6.68 4.12
N ALA A 305 30.05 7.98 3.92
CA ALA A 305 31.40 8.50 3.77
C ALA A 305 32.12 8.52 5.12
N GLN A 306 31.42 8.94 6.17
CA GLN A 306 32.01 8.98 7.50
C GLN A 306 32.44 7.60 8.00
N ARG A 307 31.50 6.67 8.00
CA ARG A 307 31.70 5.35 8.59
C ARG A 307 32.59 4.44 7.73
N TYR A 308 32.41 4.50 6.42
CA TYR A 308 33.00 3.50 5.54
C TYR A 308 34.11 4.03 4.63
N LYS A 309 34.67 5.19 4.96
CA LYS A 309 35.72 5.77 4.11
C LYS A 309 36.94 4.85 3.96
N ASN A 310 37.21 4.02 4.97
CA ASN A 310 38.38 3.15 4.93
C ASN A 310 38.12 1.77 4.34
N ASP A 311 36.91 1.55 3.83
CA ASP A 311 36.57 0.22 3.33
C ASP A 311 36.32 0.19 1.83
N ILE A 312 36.68 1.27 1.14
CA ILE A 312 36.54 1.32 -0.31
C ILE A 312 37.90 1.37 -1.00
N THR A 313 37.95 0.93 -2.25
CA THR A 313 39.18 1.01 -3.05
C THR A 313 39.44 2.44 -3.51
N GLN A 314 40.62 2.67 -4.09
CA GLN A 314 40.95 3.98 -4.60
C GLN A 314 40.11 4.35 -5.82
N ASP A 315 39.82 3.35 -6.64
CA ASP A 315 38.96 3.54 -7.78
C ASP A 315 37.56 3.98 -7.34
N GLN A 316 37.03 3.31 -6.32
CA GLN A 316 35.72 3.64 -5.81
C GLN A 316 35.70 5.03 -5.20
N ARG A 317 36.75 5.39 -4.46
CA ARG A 317 36.86 6.72 -3.88
C ARG A 317 36.77 7.80 -4.95
N ASP A 318 37.40 7.51 -6.09
CA ASP A 318 37.43 8.46 -7.21
C ASP A 318 36.07 8.62 -7.88
N PHE A 319 35.31 7.54 -7.98
CA PHE A 319 33.98 7.63 -8.55
C PHE A 319 33.07 8.45 -7.65
N LEU A 320 33.23 8.30 -6.34
CA LEU A 320 32.39 9.01 -5.40
C LEU A 320 32.77 10.49 -5.32
N LEU A 321 34.07 10.78 -5.38
CA LEU A 321 34.54 12.18 -5.38
C LEU A 321 34.01 12.89 -6.61
N GLU A 322 33.96 12.16 -7.72
CA GLU A 322 33.40 12.69 -8.95
C GLU A 322 31.88 12.89 -8.84
N THR A 323 31.20 11.94 -8.20
CA THR A 323 29.77 12.06 -7.92
C THR A 323 29.50 13.35 -7.15
N VAL A 324 30.33 13.65 -6.16
CA VAL A 324 30.13 14.83 -5.31
C VAL A 324 30.41 16.09 -6.08
N ARG A 325 31.36 16.04 -7.01
CA ARG A 325 31.64 17.19 -7.84
C ARG A 325 30.44 17.53 -8.73
N GLN A 326 29.86 16.51 -9.37
CA GLN A 326 28.73 16.75 -10.29
C GLN A 326 27.43 16.99 -9.57
N ARG A 327 27.21 16.26 -8.47
CA ARG A 327 25.90 16.24 -7.85
C ARG A 327 25.88 16.77 -6.43
N GLY A 328 27.01 17.29 -5.96
CA GLY A 328 27.13 17.71 -4.59
C GLY A 328 26.15 18.78 -4.16
N HIS A 329 25.97 18.90 -2.86
CA HIS A 329 25.02 19.80 -2.26
C HIS A 329 25.82 20.93 -1.60
N LYS A 330 25.21 22.10 -1.53
CA LYS A 330 25.88 23.33 -1.09
C LYS A 330 26.68 23.17 0.20
N ASP A 331 26.04 22.63 1.23
CA ASP A 331 26.60 22.54 2.58
C ASP A 331 27.15 21.15 2.91
N ILE A 332 26.46 20.12 2.45
CA ILE A 332 26.80 18.74 2.80
C ILE A 332 27.91 18.23 1.88
N GLY A 333 27.84 18.61 0.60
CA GLY A 333 28.84 18.23 -0.38
C GLY A 333 30.29 18.36 0.04
N PRO A 334 30.67 19.52 0.61
CA PRO A 334 32.05 19.66 1.09
C PRO A 334 32.39 18.70 2.24
N GLU A 335 31.44 18.47 3.15
CA GLU A 335 31.67 17.50 4.22
C GLU A 335 31.91 16.11 3.64
N ILE A 336 31.10 15.72 2.67
CA ILE A 336 31.26 14.40 2.06
C ILE A 336 32.62 14.27 1.41
N ARG A 337 33.00 15.28 0.63
CA ARG A 337 34.30 15.27 -0.04
C ARG A 337 35.42 15.12 0.97
N ARG A 338 35.33 15.89 2.06
CA ARG A 338 36.33 15.88 3.12
C ARG A 338 36.48 14.47 3.72
N GLU A 339 35.36 13.84 4.05
CA GLU A 339 35.39 12.49 4.61
C GLU A 339 35.95 11.47 3.61
N LEU A 340 35.58 11.61 2.34
CA LEU A 340 36.08 10.70 1.32
C LEU A 340 37.60 10.81 1.14
N LEU A 341 38.16 12.00 1.33
CA LEU A 341 39.59 12.21 1.13
C LEU A 341 40.40 11.79 2.36
N ALA A 342 39.73 11.66 3.50
CA ALA A 342 40.39 11.27 4.74
C ALA A 342 40.53 9.73 4.85
N GLY A 343 39.97 9.01 3.89
CA GLY A 343 39.97 7.55 3.93
C GLY A 343 41.18 6.88 3.28
N ALA A 344 41.62 5.77 3.88
CA ALA A 344 42.68 4.94 3.32
C ALA A 344 42.10 3.76 2.55
N SER A 345 42.75 3.36 1.47
CA SER A 345 42.22 2.29 0.60
C SER A 345 42.30 0.88 1.25
N ARG A 346 41.36 0.00 0.91
CA ARG A 346 41.36 -1.37 1.39
C ARG A 346 42.12 -2.30 0.42
N ALA B 85 -8.16 -13.80 -35.66
CA ALA B 85 -8.00 -14.88 -34.70
C ALA B 85 -6.58 -15.46 -34.75
N LEU B 86 -5.81 -15.21 -33.69
CA LEU B 86 -4.45 -15.71 -33.56
C LEU B 86 -4.43 -17.26 -33.48
N PRO B 87 -3.27 -17.91 -33.80
CA PRO B 87 -3.14 -19.36 -34.03
C PRO B 87 -3.97 -20.29 -33.14
N GLU B 88 -4.70 -21.22 -33.75
CA GLU B 88 -5.66 -22.05 -33.01
C GLU B 88 -5.01 -22.99 -32.01
N LYS B 89 -3.72 -23.26 -32.18
CA LYS B 89 -3.01 -24.05 -31.19
C LYS B 89 -2.64 -23.20 -29.97
N VAL B 90 -2.40 -21.90 -30.21
CA VAL B 90 -2.21 -20.94 -29.13
C VAL B 90 -3.51 -20.70 -28.36
N ILE B 91 -4.61 -20.56 -29.08
CA ILE B 91 -5.94 -20.47 -28.49
C ILE B 91 -6.19 -21.67 -27.59
N LYS B 92 -5.97 -22.87 -28.13
CA LYS B 92 -6.08 -24.12 -27.38
C LYS B 92 -5.33 -24.05 -26.06
N ALA B 93 -4.06 -23.64 -26.12
CA ALA B 93 -3.20 -23.59 -24.93
C ALA B 93 -3.79 -22.68 -23.85
N TYR B 94 -4.16 -21.47 -24.23
CA TYR B 94 -4.63 -20.50 -23.24
C TYR B 94 -6.07 -20.74 -22.80
N THR B 95 -6.80 -21.58 -23.52
CA THR B 95 -8.11 -22.01 -23.04
C THR B 95 -7.88 -23.02 -21.91
N THR B 96 -6.78 -23.75 -22.00
CA THR B 96 -6.43 -24.69 -20.94
C THR B 96 -6.03 -23.89 -19.70
N VAL B 97 -5.07 -22.98 -19.86
CA VAL B 97 -4.66 -22.07 -18.78
C VAL B 97 -5.85 -21.45 -18.06
N GLY B 98 -6.69 -20.73 -18.81
CA GLY B 98 -7.94 -20.21 -18.31
C GLY B 98 -8.74 -21.19 -17.47
N SER B 99 -8.74 -22.45 -17.89
CA SER B 99 -9.46 -23.49 -17.16
C SER B 99 -8.81 -23.73 -15.79
N ILE B 100 -7.47 -23.76 -15.76
CA ILE B 100 -6.75 -23.87 -14.49
C ILE B 100 -7.08 -22.67 -13.60
N LEU B 101 -7.15 -21.48 -14.18
CA LEU B 101 -7.38 -20.27 -13.40
C LEU B 101 -8.75 -20.27 -12.71
N LYS B 102 -9.66 -21.13 -13.15
CA LYS B 102 -10.97 -21.22 -12.52
C LYS B 102 -10.91 -21.66 -11.06
N THR B 103 -9.94 -22.51 -10.72
CA THR B 103 -9.87 -23.05 -9.35
C THR B 103 -8.53 -22.81 -8.62
N TRP B 104 -7.64 -22.04 -9.24
CA TRP B 104 -6.37 -21.69 -8.64
C TRP B 104 -6.55 -20.90 -7.34
N THR B 105 -5.83 -21.27 -6.29
CA THR B 105 -5.93 -20.57 -5.01
C THR B 105 -4.58 -20.28 -4.34
N HIS B 106 -3.48 -20.78 -4.91
CA HIS B 106 -2.20 -20.76 -4.22
C HIS B 106 -1.01 -21.20 -5.06
N GLY B 107 0.17 -20.68 -4.73
CA GLY B 107 1.40 -21.19 -5.26
C GLY B 107 1.87 -20.48 -6.52
N LYS B 108 2.21 -21.26 -7.53
CA LYS B 108 2.71 -20.72 -8.78
C LYS B 108 1.57 -20.49 -9.76
N LEU B 109 1.48 -19.28 -10.31
CA LEU B 109 0.61 -19.07 -11.46
C LEU B 109 1.19 -19.88 -12.61
N PRO B 110 0.32 -20.47 -13.46
CA PRO B 110 0.73 -21.21 -14.66
C PRO B 110 1.82 -20.47 -15.44
N LYS B 111 2.84 -21.20 -15.90
CA LYS B 111 3.98 -20.62 -16.60
C LYS B 111 3.55 -19.73 -17.76
N LEU B 112 2.62 -20.23 -18.57
CA LEU B 112 2.10 -19.50 -19.72
C LEU B 112 1.43 -18.19 -19.32
N PHE B 113 0.72 -18.22 -18.20
CA PHE B 113 0.05 -17.02 -17.71
C PHE B 113 1.07 -15.94 -17.38
N LYS B 114 2.15 -16.36 -16.72
CA LYS B 114 3.19 -15.43 -16.24
C LYS B 114 3.89 -14.65 -17.35
N VAL B 115 3.88 -15.18 -18.58
CA VAL B 115 4.52 -14.48 -19.70
C VAL B 115 3.61 -13.50 -20.44
N ILE B 116 2.29 -13.62 -20.26
CA ILE B 116 1.34 -12.73 -20.93
C ILE B 116 1.70 -11.24 -20.79
N PRO B 117 2.12 -10.78 -19.59
CA PRO B 117 2.41 -9.34 -19.52
C PRO B 117 3.54 -8.88 -20.47
N SER B 118 4.34 -9.81 -20.98
CA SER B 118 5.43 -9.47 -21.91
C SER B 118 5.00 -9.42 -23.38
N LEU B 119 3.86 -10.03 -23.71
CA LEU B 119 3.38 -10.02 -25.09
C LEU B 119 2.81 -8.66 -25.51
N ARG B 120 3.16 -8.19 -26.70
CA ARG B 120 2.62 -6.93 -27.21
C ARG B 120 1.11 -7.05 -27.37
N ASN B 121 0.65 -8.26 -27.74
CA ASN B 121 -0.78 -8.55 -27.88
C ASN B 121 -1.37 -9.22 -26.64
N TRP B 122 -0.97 -8.75 -25.45
CA TRP B 122 -1.39 -9.41 -24.22
C TRP B 122 -2.91 -9.41 -24.06
N GLN B 123 -3.56 -8.40 -24.58
CA GLN B 123 -4.99 -8.26 -24.41
C GLN B 123 -5.73 -9.31 -25.21
N ASP B 124 -5.31 -9.49 -26.46
CA ASP B 124 -5.84 -10.55 -27.29
C ASP B 124 -5.75 -11.90 -26.57
N VAL B 125 -4.65 -12.14 -25.88
CA VAL B 125 -4.47 -13.42 -25.20
C VAL B 125 -5.33 -13.53 -23.94
N ILE B 126 -5.42 -12.45 -23.17
CA ILE B 126 -6.25 -12.46 -21.97
C ILE B 126 -7.70 -12.76 -22.36
N TYR B 127 -8.15 -12.12 -23.42
CA TYR B 127 -9.50 -12.30 -23.94
C TYR B 127 -9.89 -13.77 -24.25
N VAL B 128 -8.94 -14.68 -24.15
CA VAL B 128 -9.21 -16.06 -24.54
C VAL B 128 -9.06 -16.99 -23.31
N THR B 129 -8.69 -16.40 -22.19
CA THR B 129 -8.48 -17.16 -20.96
C THR B 129 -9.73 -17.14 -20.04
N ASN B 130 -10.86 -16.70 -20.59
CA ASN B 130 -12.12 -16.68 -19.85
C ASN B 130 -12.03 -15.97 -18.46
N PRO B 131 -11.62 -14.70 -18.47
CA PRO B 131 -11.35 -13.92 -17.25
C PRO B 131 -12.51 -13.86 -16.23
N GLU B 132 -13.75 -13.85 -16.69
CA GLU B 132 -14.86 -13.70 -15.75
C GLU B 132 -15.07 -14.95 -14.92
N GLU B 133 -14.35 -16.03 -15.23
CA GLU B 133 -14.44 -17.26 -14.45
C GLU B 133 -13.16 -17.59 -13.68
N TRP B 134 -12.12 -16.76 -13.83
CA TRP B 134 -10.98 -16.80 -12.94
C TRP B 134 -11.44 -16.79 -11.50
N SER B 135 -10.76 -17.53 -10.63
CA SER B 135 -11.07 -17.43 -9.22
C SER B 135 -10.72 -16.04 -8.67
N PRO B 136 -11.36 -15.63 -7.57
CA PRO B 136 -11.01 -14.36 -6.93
C PRO B 136 -9.52 -14.26 -6.58
N HIS B 137 -8.93 -15.37 -6.13
CA HIS B 137 -7.48 -15.47 -5.85
C HIS B 137 -6.62 -15.09 -7.04
N VAL B 138 -7.02 -15.52 -8.25
CA VAL B 138 -6.29 -15.23 -9.47
C VAL B 138 -6.38 -13.76 -9.86
N VAL B 139 -7.56 -13.18 -9.65
CA VAL B 139 -7.79 -11.76 -9.92
C VAL B 139 -6.78 -10.92 -9.15
N TYR B 140 -6.60 -11.26 -7.87
CA TYR B 140 -5.58 -10.60 -7.07
C TYR B 140 -4.19 -10.85 -7.68
N GLU B 141 -3.81 -12.10 -7.83
CA GLU B 141 -2.46 -12.36 -8.31
C GLU B 141 -2.23 -11.82 -9.71
N ALA B 142 -3.24 -11.91 -10.58
CA ALA B 142 -3.08 -11.35 -11.92
C ALA B 142 -2.88 -9.84 -11.83
N THR B 143 -3.66 -9.18 -10.97
CA THR B 143 -3.58 -7.73 -10.82
C THR B 143 -2.17 -7.33 -10.39
N LYS B 144 -1.68 -8.02 -9.36
CA LYS B 144 -0.32 -7.82 -8.87
C LYS B 144 0.69 -8.03 -10.01
N LEU B 145 0.56 -9.16 -10.71
CA LEU B 145 1.47 -9.49 -11.81
C LEU B 145 1.43 -8.47 -12.95
N PHE B 146 0.22 -8.07 -13.35
CA PHE B 146 0.10 -7.22 -14.51
C PHE B 146 0.41 -5.75 -14.25
N VAL B 147 0.04 -5.23 -13.09
CA VAL B 147 0.21 -3.80 -12.84
C VAL B 147 1.67 -3.49 -12.49
N SER B 148 2.39 -4.48 -11.98
CA SER B 148 3.79 -4.23 -11.68
C SER B 148 4.69 -4.52 -12.89
N ASN B 149 4.11 -4.98 -14.00
CA ASN B 149 4.91 -5.27 -15.21
C ASN B 149 4.49 -4.54 -16.48
N LEU B 150 3.28 -3.98 -16.47
CA LEU B 150 2.81 -3.18 -17.60
C LEU B 150 3.12 -1.71 -17.38
N THR B 151 3.23 -0.97 -18.47
CA THR B 151 3.29 0.48 -18.41
C THR B 151 2.00 1.03 -17.82
N ALA B 152 1.98 2.32 -17.48
CA ALA B 152 0.77 2.93 -16.91
C ALA B 152 -0.44 2.88 -17.86
N LYS B 153 -0.21 3.12 -19.15
CA LYS B 153 -1.29 3.08 -20.12
C LYS B 153 -1.87 1.66 -20.28
N GLU B 154 -1.00 0.65 -20.29
CA GLU B 154 -1.47 -0.72 -20.44
C GLU B 154 -2.08 -1.28 -19.15
N SER B 155 -1.60 -0.81 -18.00
CA SER B 155 -2.19 -1.14 -16.72
C SER B 155 -3.60 -0.56 -16.61
N GLN B 156 -3.76 0.65 -17.13
CA GLN B 156 -5.05 1.27 -17.19
C GLN B 156 -6.03 0.35 -17.96
N LYS B 157 -5.57 -0.16 -19.10
CA LYS B 157 -6.39 -1.07 -19.88
C LYS B 157 -6.67 -2.37 -19.12
N PHE B 158 -5.65 -2.96 -18.49
CA PHE B 158 -5.89 -4.14 -17.68
C PHE B 158 -6.89 -3.89 -16.53
N ILE B 159 -6.77 -2.75 -15.85
CA ILE B 159 -7.62 -2.46 -14.70
C ILE B 159 -9.07 -2.32 -15.15
N ASN B 160 -9.25 -1.64 -16.27
CA ASN B 160 -10.56 -1.48 -16.85
C ASN B 160 -11.19 -2.81 -17.32
N LEU B 161 -10.39 -3.63 -17.99
CA LEU B 161 -10.87 -4.86 -18.62
C LEU B 161 -11.23 -5.95 -17.60
N ILE B 162 -10.32 -6.17 -16.65
CA ILE B 162 -10.49 -7.25 -15.68
C ILE B 162 -10.97 -6.77 -14.30
N LEU B 163 -10.22 -5.86 -13.67
CA LEU B 163 -10.47 -5.47 -12.30
C LEU B 163 -11.85 -4.80 -12.14
N LEU B 164 -12.12 -3.77 -12.95
CA LEU B 164 -13.39 -3.06 -12.85
C LEU B 164 -14.57 -3.94 -13.21
N GLU B 165 -14.46 -4.73 -14.29
CA GLU B 165 -15.53 -5.67 -14.65
C GLU B 165 -15.85 -6.60 -13.49
N ARG B 166 -14.83 -7.21 -12.92
CA ARG B 166 -15.01 -8.17 -11.85
C ARG B 166 -15.63 -7.52 -10.60
N PHE B 167 -15.13 -6.35 -10.23
CA PHE B 167 -15.65 -5.56 -9.14
C PHE B 167 -17.17 -5.26 -9.28
N ARG B 168 -17.62 -4.80 -10.44
CA ARG B 168 -19.04 -4.50 -10.62
C ARG B 168 -19.86 -5.78 -10.69
N ASP B 169 -19.37 -6.77 -11.43
CA ASP B 169 -20.09 -8.02 -11.58
C ASP B 169 -20.26 -8.72 -10.23
N ASN B 170 -19.21 -8.72 -9.42
CA ASN B 170 -19.23 -9.37 -8.13
C ASN B 170 -20.25 -8.72 -7.20
N ILE B 171 -20.25 -7.39 -7.20
CA ILE B 171 -21.11 -6.63 -6.32
C ILE B 171 -22.57 -6.76 -6.75
N GLU B 172 -22.81 -6.74 -8.06
CA GLU B 172 -24.17 -6.90 -8.55
C GLU B 172 -24.74 -8.33 -8.34
N THR B 173 -23.90 -9.36 -8.33
CA THR B 173 -24.46 -10.71 -8.26
C THR B 173 -24.42 -11.38 -6.91
N SER B 174 -23.68 -10.83 -5.95
CA SER B 174 -23.63 -11.48 -4.64
C SER B 174 -24.93 -11.21 -3.87
N GLU B 175 -25.30 -12.13 -2.95
CA GLU B 175 -26.55 -12.03 -2.17
C GLU B 175 -26.76 -10.69 -1.48
N ASP B 176 -25.71 -10.22 -0.82
CA ASP B 176 -25.82 -9.03 0.00
C ASP B 176 -25.16 -7.82 -0.69
N HIS B 177 -24.90 -7.97 -2.00
CA HIS B 177 -24.24 -6.93 -2.79
C HIS B 177 -22.93 -6.47 -2.16
N SER B 178 -22.10 -7.44 -1.77
CA SER B 178 -20.83 -7.14 -1.17
C SER B 178 -19.71 -7.57 -2.12
N LEU B 179 -18.49 -7.13 -1.81
CA LEU B 179 -17.34 -7.45 -2.64
C LEU B 179 -16.53 -8.59 -2.01
N ASN B 180 -16.03 -9.51 -2.81
CA ASN B 180 -15.21 -10.58 -2.29
C ASN B 180 -13.87 -10.03 -1.80
N TYR B 181 -13.43 -10.55 -0.66
CA TYR B 181 -12.20 -10.11 0.01
C TYR B 181 -10.97 -9.99 -0.91
N HIS B 182 -10.78 -10.93 -1.84
CA HIS B 182 -9.62 -10.86 -2.71
C HIS B 182 -9.75 -9.78 -3.79
N ILE B 183 -10.98 -9.46 -4.17
CA ILE B 183 -11.14 -8.45 -5.21
C ILE B 183 -10.89 -7.10 -4.53
N TYR B 184 -11.32 -6.98 -3.28
CA TYR B 184 -10.96 -5.83 -2.46
C TYR B 184 -9.43 -5.64 -2.40
N ARG B 185 -8.67 -6.71 -2.17
CA ARG B 185 -7.21 -6.59 -2.17
C ARG B 185 -6.69 -6.19 -3.54
N ALA B 186 -7.33 -6.67 -4.59
CA ALA B 186 -6.89 -6.33 -5.93
C ALA B 186 -7.10 -4.85 -6.21
N VAL B 187 -8.26 -4.31 -5.81
CA VAL B 187 -8.53 -2.90 -6.02
C VAL B 187 -7.53 -2.09 -5.22
N LYS B 188 -7.26 -2.54 -3.99
CA LYS B 188 -6.29 -1.85 -3.14
C LYS B 188 -4.89 -1.85 -3.75
N LYS B 189 -4.46 -3.00 -4.26
CA LYS B 189 -3.14 -3.12 -4.89
C LYS B 189 -3.05 -2.16 -6.08
N SER B 190 -4.13 -2.07 -6.86
CA SER B 190 -4.12 -1.29 -8.10
C SER B 190 -4.08 0.21 -7.84
N LEU B 191 -4.56 0.63 -6.67
CA LEU B 191 -4.57 2.05 -6.31
C LEU B 191 -3.15 2.57 -6.13
N TYR B 192 -2.17 1.67 -5.98
CA TYR B 192 -0.77 2.08 -5.93
C TYR B 192 -0.14 2.29 -7.33
N LYS B 193 -0.93 2.13 -8.40
CA LYS B 193 -0.61 2.74 -9.70
C LYS B 193 -1.70 3.79 -10.03
N PRO B 194 -1.68 4.91 -9.31
CA PRO B 194 -2.84 5.82 -9.19
C PRO B 194 -3.38 6.31 -10.54
N SER B 195 -2.49 6.68 -11.45
CA SER B 195 -2.90 7.13 -12.77
C SER B 195 -3.75 6.10 -13.49
N ALA B 196 -3.23 4.88 -13.57
CA ALA B 196 -3.95 3.79 -14.23
C ALA B 196 -5.25 3.46 -13.48
N PHE B 197 -5.22 3.55 -12.16
CA PHE B 197 -6.43 3.31 -11.39
C PHE B 197 -7.50 4.36 -11.68
N PHE B 198 -7.13 5.64 -11.69
CA PHE B 198 -8.12 6.69 -11.90
C PHE B 198 -8.69 6.61 -13.30
N LYS B 199 -7.85 6.31 -14.27
CA LYS B 199 -8.31 6.33 -15.63
C LYS B 199 -8.92 5.02 -16.04
N GLY B 200 -8.47 3.93 -15.44
CA GLY B 200 -8.96 2.63 -15.83
C GLY B 200 -10.12 2.14 -15.00
N PHE B 201 -10.24 2.62 -13.77
CA PHE B 201 -11.26 2.11 -12.85
C PHE B 201 -12.25 3.21 -12.43
N LEU B 202 -11.74 4.26 -11.80
CA LEU B 202 -12.60 5.27 -11.19
C LEU B 202 -13.40 6.11 -12.19
N PHE B 203 -12.72 6.69 -13.17
CA PHE B 203 -13.40 7.59 -14.10
C PHE B 203 -14.41 6.81 -14.94
N PRO B 204 -14.01 5.64 -15.47
CA PRO B 204 -15.04 4.91 -16.23
C PRO B 204 -16.21 4.45 -15.35
N LEU B 205 -15.96 4.16 -14.09
CA LEU B 205 -17.02 3.70 -13.21
C LEU B 205 -18.05 4.80 -13.04
N VAL B 206 -17.54 5.98 -12.77
CA VAL B 206 -18.36 7.11 -12.37
C VAL B 206 -19.10 7.72 -13.59
N GLU B 207 -18.57 7.46 -14.79
CA GLU B 207 -19.17 7.91 -16.04
C GLU B 207 -20.02 6.82 -16.67
N THR B 208 -20.07 5.65 -16.03
CA THR B 208 -20.84 4.51 -16.53
C THR B 208 -21.90 4.05 -15.51
N GLY B 209 -22.71 4.99 -15.05
CA GLY B 209 -23.82 4.67 -14.19
C GLY B 209 -23.50 3.95 -12.89
N CYS B 210 -22.33 4.22 -12.33
CA CYS B 210 -22.00 3.85 -10.95
C CYS B 210 -23.18 4.02 -10.00
N ASN B 211 -23.48 3.01 -9.18
CA ASN B 211 -24.48 3.17 -8.13
C ASN B 211 -23.85 3.44 -6.77
N VAL B 212 -24.71 3.65 -5.76
CA VAL B 212 -24.25 4.10 -4.45
C VAL B 212 -23.45 3.00 -3.74
N ARG B 213 -23.87 1.76 -3.93
CA ARG B 213 -23.17 0.64 -3.32
C ARG B 213 -21.75 0.54 -3.89
N GLU B 214 -21.61 0.68 -5.20
CA GLU B 214 -20.32 0.56 -5.87
C GLU B 214 -19.37 1.65 -5.39
N ALA B 215 -19.93 2.85 -5.22
CA ALA B 215 -19.14 4.00 -4.83
C ALA B 215 -18.68 3.90 -3.38
N THR B 216 -19.57 3.42 -2.52
CA THR B 216 -19.26 3.21 -1.11
C THR B 216 -18.14 2.18 -0.90
N ILE B 217 -18.24 1.06 -1.60
CA ILE B 217 -17.25 0.02 -1.48
C ILE B 217 -15.91 0.47 -2.07
N ALA B 218 -15.93 1.06 -3.26
CA ALA B 218 -14.69 1.54 -3.85
C ALA B 218 -14.14 2.73 -3.06
N GLY B 219 -15.01 3.60 -2.57
CA GLY B 219 -14.58 4.68 -1.70
C GLY B 219 -13.87 4.25 -0.43
N SER B 220 -14.36 3.18 0.21
CA SER B 220 -13.73 2.69 1.44
C SER B 220 -12.27 2.25 1.21
N VAL B 221 -11.97 1.74 0.02
CA VAL B 221 -10.60 1.36 -0.32
C VAL B 221 -9.77 2.62 -0.53
N LEU B 222 -10.34 3.54 -1.31
CA LEU B 222 -9.65 4.79 -1.63
C LEU B 222 -9.37 5.61 -0.37
N ALA B 223 -10.27 5.56 0.60
CA ALA B 223 -10.03 6.28 1.87
C ALA B 223 -8.82 5.76 2.65
N LYS B 224 -8.51 4.47 2.51
CA LYS B 224 -7.42 3.84 3.25
C LYS B 224 -6.07 4.00 2.60
N VAL B 225 -6.05 4.36 1.31
CA VAL B 225 -4.80 4.32 0.56
C VAL B 225 -4.25 5.70 0.28
N SER B 226 -2.97 5.88 0.57
CA SER B 226 -2.30 7.13 0.25
C SER B 226 -2.23 7.32 -1.25
N VAL B 227 -2.47 8.54 -1.71
CA VAL B 227 -2.39 8.90 -3.13
C VAL B 227 -1.61 10.20 -3.29
N PRO B 228 -0.58 10.21 -4.13
CA PRO B 228 0.18 11.45 -4.37
C PRO B 228 -0.75 12.62 -4.68
N ALA B 229 -0.52 13.74 -4.02
CA ALA B 229 -1.31 14.96 -4.14
C ALA B 229 -1.60 15.39 -5.59
N LEU B 230 -0.58 15.36 -6.45
CA LEU B 230 -0.74 15.69 -7.86
C LEU B 230 -1.84 14.86 -8.56
N HIS B 231 -1.90 13.58 -8.23
CA HIS B 231 -2.90 12.70 -8.81
C HIS B 231 -4.25 12.87 -8.15
N SER B 232 -4.24 13.08 -6.84
CA SER B 232 -5.46 13.23 -6.07
C SER B 232 -6.18 14.51 -6.45
N SER B 233 -5.43 15.58 -6.63
CA SER B 233 -6.01 16.86 -6.93
C SER B 233 -6.56 16.85 -8.38
N ALA B 234 -5.86 16.18 -9.29
CA ALA B 234 -6.33 16.07 -10.68
C ALA B 234 -7.57 15.20 -10.80
N ALA B 235 -7.61 14.13 -10.01
CA ALA B 235 -8.78 13.26 -10.03
C ALA B 235 -9.97 14.01 -9.40
N LEU B 236 -9.72 14.70 -8.30
CA LEU B 236 -10.72 15.59 -7.72
C LEU B 236 -11.29 16.59 -8.74
N SER B 237 -10.44 17.29 -9.49
CA SER B 237 -10.91 18.25 -10.51
C SER B 237 -11.78 17.58 -11.57
N TYR B 238 -11.34 16.43 -12.06
CA TYR B 238 -12.12 15.65 -13.00
C TYR B 238 -13.54 15.36 -12.50
N LEU B 239 -13.65 14.85 -11.28
CA LEU B 239 -14.96 14.49 -10.72
C LEU B 239 -15.89 15.70 -10.49
N LEU B 240 -15.29 16.81 -10.08
CA LEU B 240 -16.02 18.07 -9.80
C LEU B 240 -16.69 18.68 -11.04
N ARG B 241 -16.13 18.42 -12.21
CA ARG B 241 -16.67 18.95 -13.46
C ARG B 241 -17.64 18.00 -14.12
N LEU B 242 -17.96 16.91 -13.43
CA LEU B 242 -18.93 15.95 -13.92
C LEU B 242 -20.31 16.33 -13.45
N PRO B 243 -21.36 15.91 -14.18
CA PRO B 243 -22.70 16.26 -13.71
C PRO B 243 -22.98 15.68 -12.33
N PHE B 244 -23.84 16.33 -11.56
CA PHE B 244 -24.13 15.87 -10.22
C PHE B 244 -24.72 14.47 -10.20
N SER B 245 -24.25 13.66 -9.27
CA SER B 245 -24.97 12.45 -8.88
C SER B 245 -24.45 12.07 -7.53
N PRO B 246 -25.28 11.39 -6.73
CA PRO B 246 -24.78 10.97 -5.42
C PRO B 246 -23.54 10.03 -5.45
N PRO B 247 -23.44 9.05 -6.39
CA PRO B 247 -22.22 8.23 -6.38
C PRO B 247 -20.93 9.03 -6.65
N THR B 248 -20.96 9.95 -7.61
CA THR B 248 -19.79 10.78 -7.88
C THR B 248 -19.44 11.61 -6.66
N THR B 249 -20.47 11.98 -5.91
CA THR B 249 -20.28 12.86 -4.79
C THR B 249 -19.58 12.13 -3.64
N VAL B 250 -19.81 10.82 -3.49
CA VAL B 250 -19.11 10.10 -2.43
C VAL B 250 -17.60 10.00 -2.74
N PHE B 251 -17.21 9.92 -4.00
CA PHE B 251 -15.78 10.01 -4.31
C PHE B 251 -15.21 11.41 -4.05
N ILE B 252 -15.95 12.44 -4.47
CA ILE B 252 -15.56 13.80 -4.16
C ILE B 252 -15.30 14.00 -2.65
N LYS B 253 -16.25 13.55 -1.83
CA LYS B 253 -16.09 13.66 -0.38
C LYS B 253 -14.85 12.91 0.09
N ILE B 254 -14.67 11.67 -0.37
CA ILE B 254 -13.50 10.87 0.02
C ILE B 254 -12.20 11.59 -0.34
N LEU B 255 -12.12 12.18 -1.53
CA LEU B 255 -10.90 12.88 -1.91
C LEU B 255 -10.66 14.15 -1.08
N LEU B 256 -11.73 14.88 -0.79
CA LEU B 256 -11.59 16.07 0.04
C LEU B 256 -11.13 15.66 1.44
N ASP B 257 -11.71 14.55 1.95
CA ASP B 257 -11.33 13.97 3.24
C ASP B 257 -9.85 13.63 3.37
N LYS B 258 -9.17 13.44 2.24
CA LYS B 258 -7.72 13.21 2.28
C LYS B 258 -7.03 14.42 2.86
N LYS B 259 -7.70 15.57 2.74
CA LYS B 259 -7.22 16.87 3.21
C LYS B 259 -5.78 17.17 2.78
N TYR B 260 -5.42 16.74 1.58
CA TYR B 260 -4.12 17.07 1.01
C TYR B 260 -4.05 18.54 0.63
N ALA B 261 -2.84 19.06 0.48
CA ALA B 261 -2.67 20.39 -0.07
C ALA B 261 -3.17 20.36 -1.50
N LEU B 262 -3.90 21.39 -1.88
CA LEU B 262 -4.49 21.47 -3.21
C LEU B 262 -3.92 22.67 -3.95
N PRO B 263 -3.59 22.48 -5.24
CA PRO B 263 -3.26 23.63 -6.08
C PRO B 263 -4.45 24.58 -6.11
N TYR B 264 -4.20 25.84 -6.46
CA TYR B 264 -5.26 26.84 -6.41
C TYR B 264 -6.34 26.54 -7.44
N GLN B 265 -5.91 26.04 -8.59
CA GLN B 265 -6.86 25.64 -9.63
C GLN B 265 -7.89 24.64 -9.09
N THR B 266 -7.44 23.68 -8.27
CA THR B 266 -8.37 22.67 -7.75
C THR B 266 -9.24 23.23 -6.61
N VAL B 267 -8.69 24.13 -5.79
CA VAL B 267 -9.52 24.86 -4.82
C VAL B 267 -10.63 25.60 -5.58
N ASP B 268 -10.25 26.27 -6.67
CA ASP B 268 -11.22 27.00 -7.48
C ASP B 268 -12.31 26.07 -7.98
N ASP B 269 -11.90 24.91 -8.51
CA ASP B 269 -12.86 23.92 -9.01
C ASP B 269 -13.87 23.49 -7.94
N CYS B 270 -13.42 23.38 -6.69
CA CYS B 270 -14.30 23.03 -5.57
C CYS B 270 -15.34 24.12 -5.34
N VAL B 271 -14.89 25.36 -5.37
CA VAL B 271 -15.79 26.48 -5.21
C VAL B 271 -16.81 26.51 -6.37
N TYR B 272 -16.33 26.37 -7.61
CA TYR B 272 -17.23 26.32 -8.78
C TYR B 272 -18.24 25.18 -8.66
N TYR B 273 -17.80 24.05 -8.11
CA TYR B 273 -18.71 22.91 -7.91
C TYR B 273 -19.86 23.24 -6.98
N PHE B 274 -19.56 23.75 -5.77
CA PHE B 274 -20.65 24.03 -4.82
C PHE B 274 -21.48 25.23 -5.26
N MET B 275 -20.85 26.22 -5.88
CA MET B 275 -21.55 27.37 -6.45
C MET B 275 -22.62 27.02 -7.45
N ARG B 276 -22.46 25.94 -8.18
CA ARG B 276 -23.39 25.73 -9.28
C ARG B 276 -24.70 25.14 -8.77
N PHE B 277 -24.80 24.97 -7.45
CA PHE B 277 -26.02 24.48 -6.81
C PHE B 277 -26.87 25.62 -6.27
N ARG B 278 -26.32 26.83 -6.29
CA ARG B 278 -27.08 28.04 -6.02
C ARG B 278 -28.33 28.14 -6.86
N ILE B 279 -29.45 28.51 -6.23
CA ILE B 279 -30.67 28.79 -6.99
C ILE B 279 -30.49 30.14 -7.71
N LEU B 280 -30.32 30.09 -9.02
CA LEU B 280 -30.10 31.30 -9.80
C LEU B 280 -31.39 32.15 -9.89
N ASP B 281 -31.28 33.44 -9.62
CA ASP B 281 -32.44 34.33 -9.54
C ASP B 281 -33.12 34.58 -10.90
N ASP B 282 -32.73 33.85 -11.94
CA ASP B 282 -33.15 34.15 -13.31
C ASP B 282 -33.42 32.91 -14.17
N ARG B 291 -34.97 21.71 -5.01
CA ARG B 291 -34.84 20.28 -4.72
C ARG B 291 -33.80 20.01 -3.62
N VAL B 292 -33.81 18.80 -3.04
CA VAL B 292 -32.94 18.49 -1.91
C VAL B 292 -31.65 17.76 -2.29
N LEU B 293 -30.56 18.18 -1.66
CA LEU B 293 -29.26 17.56 -1.83
C LEU B 293 -29.04 16.53 -0.73
N PRO B 294 -28.47 15.37 -1.09
CA PRO B 294 -28.22 14.29 -0.13
C PRO B 294 -27.20 14.65 0.95
N VAL B 295 -27.17 13.91 2.06
CA VAL B 295 -26.25 14.22 3.13
C VAL B 295 -24.77 14.25 2.69
N ILE B 296 -24.40 13.36 1.78
CA ILE B 296 -23.01 13.24 1.33
C ILE B 296 -22.48 14.54 0.68
N TRP B 297 -23.34 15.26 -0.02
CA TRP B 297 -23.00 16.56 -0.58
C TRP B 297 -22.72 17.60 0.52
N HIS B 298 -23.58 17.62 1.55
CA HIS B 298 -23.39 18.55 2.66
C HIS B 298 -22.10 18.21 3.40
N LYS B 299 -21.83 16.92 3.59
CA LYS B 299 -20.60 16.52 4.28
C LYS B 299 -19.34 16.83 3.45
N ALA B 300 -19.46 16.77 2.13
CA ALA B 300 -18.35 17.15 1.25
C ALA B 300 -18.08 18.65 1.38
N PHE B 301 -19.16 19.43 1.40
CA PHE B 301 -19.11 20.87 1.58
C PHE B 301 -18.46 21.22 2.92
N LEU B 302 -18.90 20.53 3.97
CA LEU B 302 -18.35 20.74 5.32
C LEU B 302 -16.87 20.44 5.36
N THR B 303 -16.49 19.31 4.78
CA THR B 303 -15.08 18.96 4.72
C THR B 303 -14.27 20.01 3.95
N PHE B 304 -14.82 20.46 2.84
CA PHE B 304 -14.14 21.48 2.07
C PHE B 304 -13.95 22.73 2.92
N ALA B 305 -15.00 23.11 3.66
CA ALA B 305 -14.95 24.32 4.47
C ALA B 305 -13.94 24.23 5.62
N GLN B 306 -13.89 23.08 6.29
CA GLN B 306 -12.91 22.85 7.38
C GLN B 306 -11.49 23.04 6.88
N ARG B 307 -11.11 22.24 5.90
CA ARG B 307 -9.73 22.18 5.47
C ARG B 307 -9.29 23.37 4.61
N TYR B 308 -10.16 23.88 3.75
CA TYR B 308 -9.72 24.83 2.74
C TYR B 308 -10.18 26.28 2.96
N LYS B 309 -10.71 26.55 4.15
CA LYS B 309 -11.24 27.87 4.50
C LYS B 309 -10.26 29.01 4.25
N ASN B 310 -8.96 28.78 4.41
CA ASN B 310 -7.98 29.85 4.19
C ASN B 310 -7.48 29.97 2.76
N ASP B 311 -8.00 29.16 1.84
CA ASP B 311 -7.40 29.07 0.50
C ASP B 311 -8.30 29.65 -0.57
N ILE B 312 -9.46 30.12 -0.15
CA ILE B 312 -10.43 30.73 -1.05
C ILE B 312 -10.33 32.27 -0.96
N THR B 313 -10.76 32.96 -2.02
CA THR B 313 -10.79 34.42 -2.06
C THR B 313 -12.03 34.97 -1.38
N GLN B 314 -12.08 36.29 -1.20
CA GLN B 314 -13.23 36.94 -0.56
C GLN B 314 -14.51 36.66 -1.30
N ASP B 315 -14.50 36.88 -2.61
CA ASP B 315 -15.69 36.63 -3.42
C ASP B 315 -16.13 35.16 -3.33
N GLN B 316 -15.18 34.24 -3.48
CA GLN B 316 -15.48 32.81 -3.35
C GLN B 316 -16.13 32.51 -2.02
N ARG B 317 -15.57 33.06 -0.94
CA ARG B 317 -16.16 32.83 0.38
C ARG B 317 -17.62 33.27 0.43
N ASP B 318 -17.92 34.43 -0.17
CA ASP B 318 -19.30 34.94 -0.16
C ASP B 318 -20.26 34.05 -0.95
N PHE B 319 -19.82 33.60 -2.13
CA PHE B 319 -20.62 32.70 -2.98
C PHE B 319 -20.94 31.40 -2.24
N LEU B 320 -19.96 30.89 -1.52
CA LEU B 320 -20.16 29.68 -0.76
C LEU B 320 -21.14 29.95 0.38
N LEU B 321 -21.03 31.12 1.02
CA LEU B 321 -21.92 31.43 2.13
C LEU B 321 -23.34 31.63 1.63
N GLU B 322 -23.51 32.22 0.45
CA GLU B 322 -24.83 32.31 -0.18
C GLU B 322 -25.37 30.91 -0.48
N THR B 323 -24.49 30.03 -0.96
CA THR B 323 -24.87 28.68 -1.32
C THR B 323 -25.41 27.88 -0.13
N VAL B 324 -24.77 27.97 1.03
CA VAL B 324 -25.30 27.23 2.18
C VAL B 324 -26.59 27.86 2.73
N ARG B 325 -26.76 29.16 2.51
CA ARG B 325 -28.00 29.82 2.91
C ARG B 325 -29.20 29.24 2.14
N GLN B 326 -29.01 28.93 0.87
CA GLN B 326 -30.11 28.38 0.05
C GLN B 326 -30.30 26.89 0.12
N ARG B 327 -29.19 26.14 0.14
CA ARG B 327 -29.27 24.68 0.00
C ARG B 327 -28.92 23.97 1.29
N GLY B 328 -28.59 24.75 2.31
CA GLY B 328 -28.10 24.22 3.57
C GLY B 328 -28.98 23.17 4.19
N HIS B 329 -28.31 22.20 4.80
CA HIS B 329 -28.95 21.15 5.58
C HIS B 329 -29.12 21.63 7.02
N LYS B 330 -30.19 21.19 7.68
CA LYS B 330 -30.62 21.76 8.98
C LYS B 330 -29.50 21.86 10.01
N ASP B 331 -28.76 20.76 10.16
CA ASP B 331 -27.70 20.65 11.16
C ASP B 331 -26.30 20.91 10.59
N ILE B 332 -26.05 20.45 9.37
CA ILE B 332 -24.72 20.60 8.79
C ILE B 332 -24.47 22.01 8.27
N GLY B 333 -25.52 22.64 7.74
CA GLY B 333 -25.47 24.03 7.31
C GLY B 333 -24.71 24.99 8.21
N PRO B 334 -25.14 25.11 9.48
CA PRO B 334 -24.52 26.08 10.38
C PRO B 334 -23.04 25.80 10.63
N GLU B 335 -22.68 24.52 10.68
CA GLU B 335 -21.27 24.12 10.78
C GLU B 335 -20.44 24.64 9.59
N ILE B 336 -20.97 24.46 8.38
CA ILE B 336 -20.28 24.92 7.17
C ILE B 336 -20.10 26.42 7.22
N ARG B 337 -21.17 27.12 7.59
CA ARG B 337 -21.16 28.57 7.66
C ARG B 337 -20.10 29.05 8.65
N ARG B 338 -20.07 28.43 9.83
CA ARG B 338 -19.10 28.79 10.86
C ARG B 338 -17.66 28.62 10.38
N GLU B 339 -17.37 27.48 9.75
CA GLU B 339 -16.03 27.21 9.25
C GLU B 339 -15.59 28.19 8.16
N LEU B 340 -16.50 28.54 7.25
CA LEU B 340 -16.22 29.54 6.21
C LEU B 340 -15.91 30.92 6.76
N LEU B 341 -16.68 31.33 7.77
CA LEU B 341 -16.49 32.64 8.39
C LEU B 341 -15.16 32.71 9.16
N ALA B 342 -14.67 31.55 9.56
CA ALA B 342 -13.45 31.45 10.36
C ALA B 342 -12.17 31.58 9.53
N GLY B 343 -12.31 31.77 8.23
CA GLY B 343 -11.15 31.69 7.36
C GLY B 343 -10.59 33.03 6.92
N ALA B 344 -9.31 33.03 6.59
CA ALA B 344 -8.65 34.21 5.99
C ALA B 344 -8.60 34.02 4.48
N SER B 345 -8.65 35.12 3.73
CA SER B 345 -8.76 35.02 2.29
C SER B 345 -7.41 34.95 1.60
N ARG B 346 -7.38 34.22 0.48
CA ARG B 346 -6.21 34.15 -0.37
C ARG B 346 -5.84 35.54 -0.88
N GLN C 28 26.93 -17.72 4.86
CA GLN C 28 26.82 -16.49 5.61
C GLN C 28 25.97 -15.46 4.87
N TYR C 29 26.60 -14.37 4.44
CA TYR C 29 25.94 -13.36 3.62
C TYR C 29 25.53 -13.94 2.28
N ASP C 30 26.39 -14.79 1.75
CA ASP C 30 26.13 -15.55 0.52
C ASP C 30 24.74 -16.21 0.55
N GLN C 31 24.47 -16.94 1.62
CA GLN C 31 23.21 -17.65 1.83
C GLN C 31 21.99 -16.72 1.83
N ILE C 32 22.05 -15.69 2.66
CA ILE C 32 20.89 -14.86 3.00
C ILE C 32 20.48 -13.84 1.92
N ILE C 33 21.44 -13.31 1.17
CA ILE C 33 21.13 -12.29 0.18
C ILE C 33 20.28 -12.88 -0.94
N ASN C 34 20.50 -14.15 -1.25
CA ASN C 34 19.74 -14.83 -2.28
C ASN C 34 18.29 -15.07 -1.86
N GLY C 35 18.09 -15.29 -0.56
CA GLY C 35 16.75 -15.43 0.01
C GLY C 35 15.96 -14.13 -0.01
N TYR C 36 16.68 -12.99 0.07
CA TYR C 36 16.07 -11.66 0.03
C TYR C 36 15.68 -11.24 -1.40
N GLU C 37 16.66 -11.31 -2.30
CA GLU C 37 16.48 -11.00 -3.72
C GLU C 37 15.32 -11.77 -4.36
N ASN C 38 15.07 -12.99 -3.89
CA ASN C 38 13.99 -13.79 -4.45
C ASN C 38 12.92 -14.13 -3.43
N TYR C 39 12.63 -13.20 -2.51
CA TYR C 39 11.73 -13.54 -1.40
C TYR C 39 10.34 -13.93 -1.92
N GLU C 40 9.86 -13.23 -2.95
CA GLU C 40 8.54 -13.50 -3.54
C GLU C 40 8.45 -14.89 -4.19
N GLU C 41 9.49 -15.26 -4.91
CA GLU C 41 9.62 -16.60 -5.48
C GLU C 41 9.59 -17.70 -4.40
N GLU C 42 10.27 -17.46 -3.28
CA GLU C 42 10.32 -18.46 -2.22
C GLU C 42 8.99 -18.62 -1.51
N LEU C 43 8.25 -17.52 -1.39
CA LEU C 43 6.88 -17.60 -0.86
C LEU C 43 6.00 -18.46 -1.78
N GLU C 44 6.10 -18.20 -3.09
CA GLU C 44 5.43 -19.00 -4.12
C GLU C 44 5.70 -20.49 -3.98
N GLU C 45 6.98 -20.84 -3.94
CA GLU C 45 7.43 -22.22 -3.81
C GLU C 45 7.00 -22.87 -2.50
N ASP C 46 7.04 -22.12 -1.40
CA ASP C 46 6.58 -22.68 -0.13
C ASP C 46 5.08 -22.97 -0.13
N GLU C 47 4.29 -22.08 -0.71
CA GLU C 47 2.86 -22.30 -0.78
C GLU C 47 2.53 -23.45 -1.73
N GLU C 48 3.20 -23.48 -2.88
CA GLU C 48 3.06 -24.56 -3.84
C GLU C 48 3.31 -25.95 -3.22
N GLN C 49 4.21 -26.01 -2.25
CA GLN C 49 4.60 -27.25 -1.59
C GLN C 49 3.73 -27.63 -0.40
N ASN C 50 3.41 -26.65 0.45
CA ASN C 50 2.89 -26.97 1.77
C ASN C 50 1.43 -26.57 1.98
N TYR C 51 0.77 -26.12 0.92
CA TYR C 51 -0.64 -25.77 1.03
C TYR C 51 -1.49 -27.02 1.25
N GLN C 52 -2.38 -26.93 2.22
CA GLN C 52 -3.41 -27.94 2.43
C GLN C 52 -4.71 -27.19 2.62
N PRO C 53 -5.80 -27.71 2.04
CA PRO C 53 -7.11 -27.13 2.40
C PRO C 53 -7.41 -27.36 3.88
N PHE C 54 -8.39 -26.65 4.43
CA PHE C 54 -8.74 -26.88 5.83
C PHE C 54 -9.33 -28.27 6.03
N ASP C 55 -8.78 -28.99 7.02
CA ASP C 55 -9.31 -30.29 7.41
C ASP C 55 -9.27 -30.42 8.92
N MET C 56 -10.44 -30.61 9.51
CA MET C 56 -10.60 -30.66 10.97
C MET C 56 -9.88 -31.85 11.59
N SER C 57 -9.77 -32.94 10.83
CA SER C 57 -9.16 -34.16 11.36
C SER C 57 -7.65 -34.09 11.18
N ALA C 58 -7.17 -33.02 10.56
CA ALA C 58 -5.75 -32.81 10.36
C ALA C 58 -5.18 -31.78 11.34
N GLU C 59 -6.04 -31.27 12.23
CA GLU C 59 -5.60 -30.36 13.28
C GLU C 59 -5.61 -31.08 14.62
N ARG C 60 -5.09 -30.44 15.66
CA ARG C 60 -5.06 -31.01 17.00
C ARG C 60 -6.42 -31.60 17.37
N SER C 61 -6.41 -32.78 18.00
CA SER C 61 -7.63 -33.57 18.15
C SER C 61 -8.59 -33.03 19.21
N ASP C 62 -8.12 -32.09 20.02
CA ASP C 62 -8.98 -31.45 21.01
C ASP C 62 -9.68 -30.20 20.44
N PHE C 63 -9.53 -29.97 19.13
CA PHE C 63 -10.01 -28.72 18.53
C PHE C 63 -11.52 -28.57 18.67
N GLU C 64 -12.25 -29.51 18.08
CA GLU C 64 -13.70 -29.45 18.12
C GLU C 64 -14.22 -29.40 19.56
N SER C 65 -13.57 -30.14 20.45
CA SER C 65 -13.91 -30.10 21.87
C SER C 65 -13.76 -28.69 22.45
N MET C 66 -12.75 -27.93 22.02
CA MET C 66 -12.54 -26.55 22.47
C MET C 66 -13.60 -25.60 21.88
N LEU C 67 -13.93 -25.83 20.61
CA LEU C 67 -14.99 -25.11 19.92
C LEU C 67 -16.31 -25.27 20.68
N ASP C 68 -16.53 -26.48 21.21
CA ASP C 68 -17.74 -26.81 21.93
C ASP C 68 -17.84 -26.13 23.29
N ASP C 69 -16.78 -26.22 24.09
CA ASP C 69 -16.79 -25.59 25.43
C ASP C 69 -17.05 -24.10 25.34
N PHE C 70 -16.62 -23.52 24.21
CA PHE C 70 -16.74 -22.09 24.00
C PHE C 70 -18.15 -21.67 23.59
N LEU C 71 -18.72 -22.36 22.62
CA LEU C 71 -20.09 -22.08 22.16
C LEU C 71 -21.14 -22.37 23.24
N ASP C 72 -20.69 -22.83 24.41
CA ASP C 72 -21.57 -23.07 25.54
C ASP C 72 -21.33 -22.05 26.66
N ASN C 73 -20.49 -21.05 26.38
CA ASN C 73 -20.12 -20.01 27.34
C ASN C 73 -19.69 -20.57 28.68
#